data_4LUO
#
_entry.id   4LUO
#
_cell.length_a   38.308
_cell.length_b   53.022
_cell.length_c   53.829
_cell.angle_alpha   90.00
_cell.angle_beta   90.00
_cell.angle_gamma   90.00
#
_symmetry.space_group_name_H-M   'P 21 21 21'
#
loop_
_entity.id
_entity.type
_entity.pdbx_description
1 polymer 'Replication protein A 70 kDa DNA-binding subunit'
2 non-polymer '1-(3-methylphenyl)-5-phenyl-1H-pyrazole-3-carboxylic acid'
3 water water
#
_entity_poly.entity_id   1
_entity_poly.type   'polypeptide(L)'
_entity_poly.pdbx_seq_one_letter_code
;GSHMVGQLSRGAIAAIMQKGDTNIKPILQVINIRPITTGNSPPRYRLLMSDGLNTLSSFMLATQLNPLVEEEQLSSNCVC
QIHRFIVNTLKDGRRVVILMELEVLKSAEAVGVKIGNPVPYNE
;
_entity_poly.pdbx_strand_id   A
#
loop_
_chem_comp.id
_chem_comp.type
_chem_comp.name
_chem_comp.formula
1DZ non-polymer '1-(3-methylphenyl)-5-phenyl-1H-pyrazole-3-carboxylic acid' 'C17 H14 N2 O2'
#
# COMPACT_ATOMS: atom_id res chain seq x y z
N GLY A 1 -12.52 3.96 -15.21
CA GLY A 1 -13.43 4.95 -15.86
C GLY A 1 -13.05 6.38 -15.54
N SER A 2 -13.87 7.32 -15.99
CA SER A 2 -13.66 8.74 -15.74
C SER A 2 -13.62 9.00 -14.25
N HIS A 3 -13.09 10.17 -13.88
CA HIS A 3 -12.93 10.53 -12.47
C HIS A 3 -12.13 9.46 -11.74
N MET A 4 -10.94 9.17 -12.25
CA MET A 4 -10.15 8.07 -11.74
C MET A 4 -9.86 8.20 -10.26
N VAL A 5 -9.64 9.43 -9.79
CA VAL A 5 -9.32 9.61 -8.39
C VAL A 5 -10.45 9.17 -7.48
N GLY A 6 -11.66 9.13 -8.04
CA GLY A 6 -12.82 8.66 -7.29
C GLY A 6 -12.76 7.16 -7.00
N GLN A 7 -11.83 6.47 -7.66
CA GLN A 7 -11.67 5.04 -7.43
C GLN A 7 -10.90 4.75 -6.15
N LEU A 8 -10.27 5.77 -5.58
CA LEU A 8 -9.43 5.60 -4.40
C LEU A 8 -10.06 6.21 -3.15
N SER A 9 -9.72 5.65 -2.00
CA SER A 9 -10.26 6.12 -0.73
C SER A 9 -9.59 7.39 -0.24
N ARG A 10 -9.91 8.51 -0.88
CA ARG A 10 -9.26 9.77 -0.56
C ARG A 10 -9.48 10.08 0.90
N GLY A 11 -8.39 10.35 1.61
CA GLY A 11 -8.44 10.68 3.01
C GLY A 11 -8.08 9.51 3.91
N ALA A 12 -7.98 8.31 3.34
CA ALA A 12 -7.69 7.14 4.14
C ALA A 12 -6.29 7.18 4.74
N ILE A 13 -5.32 7.73 4.03
CA ILE A 13 -3.97 7.79 4.58
C ILE A 13 -3.95 8.66 5.84
N ALA A 14 -4.56 9.84 5.76
CA ALA A 14 -4.65 10.68 6.94
C ALA A 14 -5.42 9.97 8.04
N ALA A 15 -6.48 9.25 7.68
CA ALA A 15 -7.31 8.56 8.67
C ALA A 15 -6.48 7.52 9.39
N ILE A 16 -5.67 6.79 8.65
CA ILE A 16 -4.82 5.77 9.23
C ILE A 16 -3.79 6.41 10.14
N MET A 17 -3.14 7.46 9.66
CA MET A 17 -2.05 8.07 10.44
C MET A 17 -2.50 8.96 11.61
N GLN A 18 -3.68 9.57 11.51
CA GLN A 18 -4.16 10.51 12.54
C GLN A 18 -5.13 9.86 13.52
N LYS A 19 -6.00 8.98 13.03
CA LYS A 19 -7.02 8.35 13.86
C LYS A 19 -6.61 6.94 14.28
N GLY A 20 -5.85 6.27 13.42
CA GLY A 20 -5.40 4.92 13.70
C GLY A 20 -6.55 3.93 13.68
N ASP A 21 -7.64 4.30 13.03
CA ASP A 21 -8.79 3.41 12.90
C ASP A 21 -8.46 2.29 11.93
N THR A 22 -8.78 1.05 12.31
CA THR A 22 -8.44 -0.11 11.49
C THR A 22 -9.67 -0.80 10.92
N ASN A 23 -10.86 -0.27 11.22
CA ASN A 23 -12.09 -0.88 10.73
C ASN A 23 -12.32 -0.57 9.25
N ILE A 24 -11.64 0.45 8.76
CA ILE A 24 -11.77 0.82 7.36
C ILE A 24 -11.11 -0.22 6.46
N LYS A 25 -11.60 -0.34 5.23
CA LYS A 25 -11.01 -1.21 4.21
C LYS A 25 -10.70 -0.37 2.98
N PRO A 26 -9.71 0.50 3.11
CA PRO A 26 -9.50 1.52 2.07
C PRO A 26 -8.95 0.96 0.79
N ILE A 27 -9.27 1.65 -0.30
CA ILE A 27 -8.80 1.30 -1.63
C ILE A 27 -7.68 2.26 -1.98
N LEU A 28 -6.50 1.71 -2.21
CA LEU A 28 -5.29 2.49 -2.41
C LEU A 28 -4.62 2.05 -3.69
N GLN A 29 -3.79 2.92 -4.24
CA GLN A 29 -3.00 2.55 -5.40
C GLN A 29 -1.57 2.35 -4.98
N VAL A 30 -0.95 1.28 -5.47
CA VAL A 30 0.47 1.06 -5.28
C VAL A 30 1.23 1.95 -6.24
N ILE A 31 2.13 2.77 -5.71
CA ILE A 31 2.94 3.63 -6.56
C ILE A 31 4.28 2.95 -6.77
N ASN A 32 4.80 2.37 -5.71
CA ASN A 32 6.08 1.68 -5.84
C ASN A 32 6.22 0.63 -4.79
N ILE A 33 7.00 -0.40 -5.11
CA ILE A 33 7.31 -1.48 -4.19
CA ILE A 33 7.31 -1.43 -4.15
C ILE A 33 8.79 -1.71 -4.22
N ARG A 34 9.41 -1.92 -3.07
CA ARG A 34 10.80 -2.34 -3.08
C ARG A 34 11.14 -3.19 -1.88
N PRO A 35 12.12 -4.08 -2.04
CA PRO A 35 12.55 -4.86 -0.89
C PRO A 35 13.27 -4.00 0.11
N ILE A 36 13.20 -4.36 1.38
CA ILE A 36 14.04 -3.68 2.36
C ILE A 36 15.16 -4.63 2.72
N THR A 37 16.24 -4.09 3.26
CA THR A 37 17.38 -4.92 3.62
C THR A 37 17.07 -5.83 4.80
N THR A 38 17.20 -7.13 4.57
CA THR A 38 16.88 -8.14 5.58
C THR A 38 18.09 -9.02 5.88
N GLY A 39 18.36 -9.98 5.00
CA GLY A 39 19.46 -10.91 5.19
C GLY A 39 19.17 -11.95 6.26
N ASN A 40 19.26 -13.23 5.88
CA ASN A 40 19.04 -14.35 6.79
C ASN A 40 17.61 -14.44 7.30
N SER A 41 16.69 -13.85 6.55
CA SER A 41 15.26 -13.91 6.87
C SER A 41 14.50 -13.72 5.56
N PRO A 42 13.21 -14.08 5.53
CA PRO A 42 12.48 -13.90 4.26
C PRO A 42 12.51 -12.44 3.85
N PRO A 43 12.43 -12.16 2.54
CA PRO A 43 12.46 -10.76 2.12
C PRO A 43 11.24 -10.02 2.63
N ARG A 44 11.38 -8.72 2.80
CA ARG A 44 10.27 -7.87 3.23
C ARG A 44 10.11 -6.75 2.22
N TYR A 45 8.86 -6.45 1.89
CA TYR A 45 8.59 -5.43 0.89
C TYR A 45 7.93 -4.20 1.48
N ARG A 46 8.46 -3.04 1.10
CA ARG A 46 7.94 -1.75 1.49
C ARG A 46 7.18 -1.17 0.30
N LEU A 47 6.05 -0.53 0.58
CA LEU A 47 5.21 0.04 -0.47
C LEU A 47 5.00 1.52 -0.28
N LEU A 48 5.09 2.22 -1.40
CA LEU A 48 4.63 3.60 -1.49
C LEU A 48 3.23 3.49 -2.07
N MET A 49 2.24 3.89 -1.27
CA MET A 49 0.86 3.82 -1.71
CA MET A 49 0.82 3.80 -1.61
C MET A 49 0.20 5.18 -1.68
N SER A 50 -0.90 5.29 -2.41
CA SER A 50 -1.60 6.53 -2.63
C SER A 50 -3.09 6.36 -2.40
N ASP A 51 -3.72 7.33 -1.76
CA ASP A 51 -5.17 7.35 -1.66
C ASP A 51 -5.77 8.40 -2.57
N GLY A 52 -4.96 8.91 -3.50
CA GLY A 52 -5.40 9.97 -4.41
C GLY A 52 -5.07 11.39 -3.95
N LEU A 53 -5.00 11.60 -2.65
CA LEU A 53 -4.66 12.89 -2.07
CA LEU A 53 -4.66 12.89 -2.06
C LEU A 53 -3.22 12.87 -1.58
N ASN A 54 -2.87 11.81 -0.87
CA ASN A 54 -1.56 11.67 -0.29
C ASN A 54 -0.89 10.40 -0.75
N THR A 55 0.44 10.41 -0.74
CA THR A 55 1.18 9.16 -0.75
C THR A 55 1.79 8.95 0.62
N LEU A 56 2.13 7.70 0.91
CA LEU A 56 2.75 7.33 2.18
C LEU A 56 3.63 6.12 1.90
N SER A 57 4.88 6.15 2.39
CA SER A 57 5.82 5.06 2.13
C SER A 57 6.03 4.17 3.35
N SER A 58 5.17 4.33 4.35
CA SER A 58 5.26 3.62 5.62
C SER A 58 4.65 2.21 5.60
N PHE A 59 4.25 1.73 4.44
CA PHE A 59 3.58 0.44 4.34
C PHE A 59 4.56 -0.67 4.16
N MET A 60 4.29 -1.79 4.83
CA MET A 60 5.06 -3.02 4.69
CA MET A 60 5.05 -3.01 4.63
C MET A 60 4.09 -4.17 4.46
N LEU A 61 4.43 -5.05 3.53
CA LEU A 61 3.64 -6.25 3.31
CA LEU A 61 3.65 -6.27 3.32
C LEU A 61 3.96 -7.27 4.41
N ALA A 62 2.92 -7.85 4.99
CA ALA A 62 3.14 -9.00 5.85
C ALA A 62 3.81 -10.07 4.97
N THR A 63 4.69 -10.87 5.55
CA THR A 63 5.45 -11.85 4.76
CA THR A 63 5.45 -11.84 4.75
C THR A 63 4.53 -12.84 4.04
N GLN A 64 3.39 -13.14 4.64
CA GLN A 64 2.45 -14.08 4.05
C GLN A 64 1.92 -13.60 2.69
N LEU A 65 2.04 -12.29 2.45
CA LEU A 65 1.61 -11.71 1.17
C LEU A 65 2.76 -11.58 0.17
N ASN A 66 3.97 -12.01 0.53
CA ASN A 66 5.08 -11.92 -0.42
C ASN A 66 4.81 -12.52 -1.82
N PRO A 67 4.09 -13.65 -1.87
CA PRO A 67 3.83 -14.24 -3.18
C PRO A 67 3.11 -13.28 -4.14
N LEU A 68 2.36 -12.31 -3.61
CA LEU A 68 1.66 -11.36 -4.49
C LEU A 68 2.65 -10.55 -5.31
N VAL A 69 3.77 -10.19 -4.68
CA VAL A 69 4.81 -9.42 -5.37
C VAL A 69 5.65 -10.33 -6.24
N GLU A 70 5.99 -11.49 -5.71
CA GLU A 70 6.90 -12.37 -6.38
C GLU A 70 6.31 -13.10 -7.57
N GLU A 71 4.98 -13.19 -7.66
N GLU A 71 5.00 -13.38 -7.53
CA GLU A 71 4.34 -14.05 -8.67
CA GLU A 71 4.40 -14.34 -8.45
C GLU A 71 3.12 -13.54 -9.47
C GLU A 71 3.21 -13.77 -9.22
N GLU A 72 3.13 -12.36 -10.07
N GLU A 72 2.48 -12.83 -8.61
CA GLU A 72 4.12 -11.29 -9.87
CA GLU A 72 1.21 -12.38 -9.18
C GLU A 72 3.44 -9.97 -10.28
C GLU A 72 1.13 -10.86 -9.41
N GLN A 73 2.38 -9.65 -9.55
N GLN A 73 -0.06 -10.30 -9.23
CA GLN A 73 1.75 -8.34 -9.56
CA GLN A 73 -0.37 -8.98 -9.74
C GLN A 73 0.60 -8.56 -8.57
C GLN A 73 -0.30 -7.92 -8.65
N LEU A 74 0.48 -7.86 -7.44
N LEU A 74 0.87 -7.78 -8.03
CA LEU A 74 1.14 -6.61 -6.99
CA LEU A 74 1.11 -6.66 -7.12
C LEU A 74 2.37 -5.98 -7.66
C LEU A 74 2.36 -5.89 -7.51
N SER A 75 2.15 -4.82 -8.26
CA SER A 75 3.23 -3.99 -8.75
C SER A 75 2.72 -2.56 -8.92
N SER A 76 3.63 -1.67 -9.29
CA SER A 76 3.31 -0.26 -9.44
C SER A 76 2.12 -0.04 -10.34
N ASN A 77 1.20 0.79 -9.83
CA ASN A 77 -0.03 1.25 -10.50
C ASN A 77 -1.24 0.41 -10.17
N CYS A 78 -1.07 -0.78 -9.59
CA CYS A 78 -2.25 -1.56 -9.32
CA CYS A 78 -2.17 -1.63 -9.17
C CYS A 78 -3.07 -0.91 -8.20
N VAL A 79 -4.36 -1.21 -8.21
CA VAL A 79 -5.29 -0.65 -7.25
C VAL A 79 -5.77 -1.81 -6.40
N CYS A 80 -5.67 -1.63 -5.08
N CYS A 80 -5.65 -1.62 -5.08
CA CYS A 80 -5.96 -2.72 -4.16
CA CYS A 80 -5.91 -2.66 -4.10
C CYS A 80 -6.73 -2.25 -2.94
C CYS A 80 -6.88 -2.18 -3.04
N GLN A 81 -7.56 -3.14 -2.43
CA GLN A 81 -8.33 -2.88 -1.24
C GLN A 81 -7.63 -3.56 -0.08
N ILE A 82 -7.37 -2.80 0.97
CA ILE A 82 -6.78 -3.34 2.17
C ILE A 82 -7.86 -3.88 3.08
N HIS A 83 -7.88 -5.21 3.27
CA HIS A 83 -8.90 -5.85 4.09
C HIS A 83 -8.51 -5.99 5.54
N ARG A 84 -7.21 -6.02 5.82
CA ARG A 84 -6.73 -6.08 7.19
C ARG A 84 -5.35 -5.47 7.27
N PHE A 85 -5.17 -4.57 8.22
CA PHE A 85 -3.87 -3.99 8.47
C PHE A 85 -3.72 -3.70 9.94
N ILE A 86 -2.47 -3.55 10.35
CA ILE A 86 -2.20 -3.05 11.69
C ILE A 86 -1.14 -1.98 11.61
N VAL A 87 -1.15 -1.09 12.59
CA VAL A 87 -0.12 -0.08 12.68
C VAL A 87 0.81 -0.48 13.81
N ASN A 88 2.11 -0.43 13.53
CA ASN A 88 3.11 -0.63 14.55
C ASN A 88 3.94 0.62 14.64
N THR A 89 4.52 0.85 15.80
CA THR A 89 5.29 2.06 16.02
C THR A 89 6.66 1.63 16.47
N LEU A 90 7.68 2.15 15.81
CA LEU A 90 9.06 1.89 16.15
C LEU A 90 9.46 2.68 17.39
N LYS A 91 10.58 2.29 17.99
CA LYS A 91 11.08 2.99 19.17
C LYS A 91 11.27 4.49 18.91
N ASP A 92 11.65 4.84 17.67
CA ASP A 92 11.92 6.23 17.34
C ASP A 92 10.66 7.04 17.03
N GLY A 93 9.50 6.38 17.01
CA GLY A 93 8.23 7.06 16.85
C GLY A 93 7.61 6.96 15.47
N ARG A 94 8.39 6.47 14.51
CA ARG A 94 7.86 6.31 13.16
C ARG A 94 6.88 5.14 13.14
N ARG A 95 5.85 5.30 12.34
CA ARG A 95 4.86 4.25 12.25
C ARG A 95 5.09 3.41 11.00
N VAL A 96 4.82 2.12 11.12
N VAL A 96 4.76 2.13 11.12
CA VAL A 96 4.82 1.22 9.99
CA VAL A 96 4.84 1.14 10.03
C VAL A 96 3.40 0.68 9.91
C VAL A 96 3.46 0.52 9.88
N VAL A 97 2.87 0.62 8.70
CA VAL A 97 1.55 0.07 8.47
C VAL A 97 1.74 -1.28 7.81
N ILE A 98 1.41 -2.34 8.55
N ILE A 98 1.41 -2.35 8.55
CA ILE A 98 1.58 -3.68 8.02
CA ILE A 98 1.58 -3.70 8.05
C ILE A 98 0.29 -4.12 7.38
C ILE A 98 0.30 -4.17 7.37
N LEU A 99 0.40 -4.46 6.08
CA LEU A 99 -0.74 -4.94 5.30
C LEU A 99 -0.81 -6.45 5.44
N MET A 100 -1.92 -6.92 6.00
CA MET A 100 -2.10 -8.33 6.36
CA MET A 100 -2.06 -8.33 6.33
C MET A 100 -2.94 -9.06 5.32
N GLU A 101 -3.97 -8.39 4.85
CA GLU A 101 -4.84 -8.95 3.80
C GLU A 101 -5.10 -7.85 2.81
N LEU A 102 -4.88 -8.15 1.53
CA LEU A 102 -5.24 -7.19 0.51
C LEU A 102 -5.70 -7.89 -0.75
N GLU A 103 -6.53 -7.18 -1.49
CA GLU A 103 -7.12 -7.69 -2.70
C GLU A 103 -6.75 -6.76 -3.81
N VAL A 104 -6.25 -7.32 -4.91
CA VAL A 104 -6.00 -6.51 -6.09
C VAL A 104 -7.32 -6.35 -6.84
N LEU A 105 -7.81 -5.12 -6.90
CA LEU A 105 -9.05 -4.80 -7.61
C LEU A 105 -8.80 -4.54 -9.08
N LYS A 106 -7.69 -3.87 -9.37
CA LYS A 106 -7.30 -3.62 -10.76
C LYS A 106 -5.82 -3.82 -10.93
N SER A 107 -5.43 -4.63 -11.91
CA SER A 107 -4.02 -4.90 -12.18
C SER A 107 -3.32 -3.64 -12.65
N ALA A 108 -2.00 -3.63 -12.52
CA ALA A 108 -1.19 -2.49 -12.92
C ALA A 108 -1.45 -2.16 -14.39
N GLU A 109 -1.57 -3.20 -15.19
CA GLU A 109 -1.69 -3.02 -16.63
C GLU A 109 -3.04 -2.42 -17.00
N ALA A 110 -4.03 -2.65 -16.13
CA ALA A 110 -5.37 -2.15 -16.38
C ALA A 110 -5.55 -0.71 -15.92
N VAL A 111 -4.62 -0.22 -15.11
CA VAL A 111 -4.66 1.15 -14.62
C VAL A 111 -3.64 2.01 -15.37
N GLY A 112 -2.37 1.66 -15.23
CA GLY A 112 -1.34 2.14 -16.14
C GLY A 112 -0.68 3.47 -15.80
N VAL A 113 -1.25 4.20 -14.85
CA VAL A 113 -0.76 5.53 -14.49
CA VAL A 113 -0.69 5.50 -14.47
C VAL A 113 -0.99 5.78 -13.01
N LYS A 114 -0.20 6.67 -12.42
CA LYS A 114 -0.46 7.15 -11.08
C LYS A 114 -1.70 8.02 -11.14
N ILE A 115 -2.72 7.64 -10.39
CA ILE A 115 -3.99 8.34 -10.39
C ILE A 115 -3.89 9.64 -9.61
N GLY A 116 -4.40 10.73 -10.20
CA GLY A 116 -4.42 12.00 -9.51
C GLY A 116 -3.04 12.58 -9.36
N ASN A 117 -2.89 13.47 -8.40
CA ASN A 117 -1.62 14.14 -8.12
C ASN A 117 -1.40 14.12 -6.63
N PRO A 118 -1.24 12.92 -6.06
CA PRO A 118 -1.08 12.81 -4.61
C PRO A 118 0.25 13.39 -4.15
N VAL A 119 0.27 13.95 -2.94
CA VAL A 119 1.47 14.55 -2.38
C VAL A 119 1.85 13.80 -1.11
N PRO A 120 3.14 13.82 -0.76
CA PRO A 120 3.53 13.04 0.42
C PRO A 120 2.83 13.49 1.69
N TYR A 121 2.39 12.52 2.47
CA TYR A 121 1.85 12.77 3.77
C TYR A 121 3.02 13.07 4.69
N ASN A 122 2.90 14.13 5.47
CA ASN A 122 3.98 14.56 6.34
C ASN A 122 3.82 14.02 7.74
N GLU A 123 4.46 12.89 8.01
CA GLU A 123 4.48 12.29 9.34
C GLU A 123 5.29 11.00 9.31
C01 1DZ B . 12.64 -0.01 7.25
N02 1DZ B . 11.83 0.67 6.44
N03 1DZ B . 12.39 0.82 5.25
C04 1DZ B . 13.58 0.23 5.24
C05 1DZ B . 13.81 -0.34 6.52
C06 1DZ B . 12.38 -0.39 8.68
C07 1DZ B . 10.55 1.21 6.79
C08 1DZ B . 13.39 -0.22 9.61
C09 1DZ B . 13.17 -0.57 10.94
C10 1DZ B . 11.94 -1.07 11.32
C11 1DZ B . 10.93 -1.23 10.39
C12 1DZ B . 11.15 -0.90 9.07
C13 1DZ B . 9.42 0.79 6.10
C14 1DZ B . 8.19 1.31 6.45
C15 1DZ B . 8.09 2.23 7.47
C16 1DZ B . 9.23 2.64 8.15
C17 1DZ B . 10.46 2.12 7.81
C18 1DZ B . 9.13 3.64 9.27
C19 1DZ B . 14.49 0.18 4.07
O20 1DZ B . 15.58 -0.45 4.13
O21 1DZ B . 14.13 0.76 3.01
H051 1DZ B . 14.58 -0.84 6.81
H081 1DZ B . 14.25 0.13 9.34
H091 1DZ B . 13.87 -0.45 11.58
H101 1DZ B . 11.77 -1.31 12.25
H111 1DZ B . 10.06 -1.59 10.66
H121 1DZ B . 10.44 -1.01 8.41
H131 1DZ B . 9.50 0.15 5.38
H141 1DZ B . 7.39 1.04 5.96
H151 1DZ B . 7.23 2.61 7.71
H171 1DZ B . 11.26 2.41 8.29
H181 1DZ B . 9.17 3.17 10.12
H183 1DZ B . 9.88 4.26 9.21
H182 1DZ B . 8.30 4.13 9.20
C01 1DZ C . 7.70 -5.93 11.62
N02 1DZ C . 6.83 -5.47 12.51
N03 1DZ C . 5.68 -6.15 12.40
C04 1DZ C . 5.77 -7.06 11.44
C05 1DZ C . 7.06 -6.97 10.90
C06 1DZ C . 9.10 -5.50 11.37
C07 1DZ C . 7.07 -4.41 13.45
C08 1DZ C . 9.39 -4.72 10.27
C09 1DZ C . 10.69 -4.32 10.02
C10 1DZ C . 11.71 -4.71 10.88
C11 1DZ C . 11.43 -5.50 11.98
C12 1DZ C . 10.13 -5.90 12.23
C13 1DZ C . 7.28 -3.14 12.93
C14 1DZ C . 7.52 -2.07 13.77
C15 1DZ C . 7.55 -2.27 15.14
C16 1DZ C . 7.35 -3.54 15.67
C17 1DZ C . 7.10 -4.61 14.82
C18 1DZ C . 7.39 -3.73 17.15
C19 1DZ C . 4.72 -8.03 10.99
O20 1DZ C . 3.71 -8.28 11.72
O21 1DZ C . 4.85 -8.59 9.87
H051 1DZ C . 7.44 -7.51 10.18
H081 1DZ C . 8.67 -4.44 9.67
H091 1DZ C . 10.89 -3.76 9.25
H101 1DZ C . 12.62 -4.42 10.70
H111 1DZ C . 12.14 -5.78 12.58
H121 1DZ C . 9.92 -6.46 13.00
H131 1DZ C . 7.25 -3.00 11.97
H141 1DZ C . 7.67 -1.19 13.41
H151 1DZ C . 7.72 -1.53 15.74
H171 1DZ C . 6.96 -5.50 15.18
H181 1DZ C . 6.47 -3.78 17.48
H183 1DZ C . 7.84 -2.99 17.56
H182 1DZ C . 7.86 -4.56 17.35
#